data_3OZP
#
_entry.id   3OZP
#
_cell.length_a   108.090
_cell.length_b   108.090
_cell.length_c   175.280
_cell.angle_alpha   90.00
_cell.angle_beta   90.00
_cell.angle_gamma   120.00
#
_symmetry.space_group_name_H-M   'P 32 2 1'
#
loop_
_entity.id
_entity.type
_entity.pdbx_description
1 polymer N-acetylglucosaminidase
2 non-polymer 'O-(2-ACETAMIDO-2-DEOXY D-GLUCOPYRANOSYLIDENE) AMINO-N-PHENYLCARBAMATE'
3 water water
#
_entity_poly.entity_id   1
_entity_poly.type   'polypeptide(L)'
_entity_poly.pdbx_seq_one_letter_code
;EDVVWRWSCDNGKCVKLKNDPRSSEPALSLEACKMFCNEYGLLWPRPTGEADLGNFLSKINLNSIEVKILKKGATDDLME
AAAKRFKEQVSLAIPRGSTPKLTGKAVDVYLVNENPNEKAFSLEMDESYGLRVSPSGADRVNATITANSFFGMRHGLETL
SQLFVFDDIRDHLLMVRDVNISDKPVYPYRGILLDTARNYYSIESIKRTIEAMAAVKLNTFHWHITDSQSFPFVTTKRPN
LYKFGALSPQKVYTKAAIREVVRFGLERGVRVLPEFDAPAHVGEGWQDTDLTVCFKAEPWKSYCVEPPCGQLNPTKDELY
QYLEDIYSDMAEVFDTTDIFHMGGDEVSEACWNSSDSIQNFMMQNRWDLDKESFLKLWNYFQQKAQDKAYKAFGKKLPLI
LWTSTLTNYKHIDDYLNKDDYIIQVWTTGVDPQIKGLLEKGYRLIMSNYDALYFDCGYGAWVGAGNNWCSPYIGWQKVYD
NSPAVIALEHRDQVLGGEAALWSEQSDTSTLDGRLWPRAAALAERLWAEPATSWQDAEYRMLHIRERLVRMGIQAESLQP
EWCYQNEGYCYS
;
_entity_poly.pdbx_strand_id   A
#
loop_
_chem_comp.id
_chem_comp.type
_chem_comp.name
_chem_comp.formula
OAN non-polymer 'O-(2-ACETAMIDO-2-DEOXY D-GLUCOPYRANOSYLIDENE) AMINO-N-PHENYLCARBAMATE' 'C15 H19 N3 O7'
#
# COMPACT_ATOMS: atom_id res chain seq x y z
N GLU A 1 4.88 27.08 -31.36
CA GLU A 1 4.60 25.77 -30.71
C GLU A 1 3.84 25.93 -29.39
N ASP A 2 2.64 26.48 -29.50
CA ASP A 2 1.73 26.63 -28.39
C ASP A 2 0.51 25.77 -28.66
N VAL A 3 -0.17 25.35 -27.59
CA VAL A 3 -1.38 24.54 -27.74
C VAL A 3 -2.45 25.24 -28.56
N VAL A 4 -3.10 24.47 -29.42
CA VAL A 4 -4.00 24.96 -30.46
C VAL A 4 -5.47 24.78 -30.06
N TRP A 5 -5.69 23.99 -29.01
CA TRP A 5 -7.02 23.59 -28.61
C TRP A 5 -7.47 24.25 -27.31
N ARG A 6 -8.77 24.19 -27.05
CA ARG A 6 -9.34 24.57 -25.77
C ARG A 6 -10.41 23.53 -25.43
N TRP A 7 -10.83 23.52 -24.18
CA TRP A 7 -11.83 22.56 -23.73
C TRP A 7 -13.01 23.26 -23.06
N SER A 8 -14.19 22.71 -23.27
CA SER A 8 -15.42 23.26 -22.70
C SER A 8 -16.27 22.14 -22.12
N CYS A 9 -16.79 22.36 -20.92
CA CYS A 9 -17.57 21.34 -20.22
C CYS A 9 -18.97 21.18 -20.80
N ASP A 10 -19.33 19.93 -21.12
CA ASP A 10 -20.62 19.61 -21.70
C ASP A 10 -21.10 18.27 -21.15
N ASN A 11 -22.16 18.32 -20.33
CA ASN A 11 -22.74 17.13 -19.69
C ASN A 11 -21.72 16.27 -18.91
N GLY A 12 -20.82 16.94 -18.19
CA GLY A 12 -19.81 16.24 -17.40
C GLY A 12 -18.59 15.75 -18.17
N LYS A 13 -18.47 16.23 -19.42
CA LYS A 13 -17.34 15.87 -20.29
C LYS A 13 -16.66 17.12 -20.84
N CYS A 14 -15.33 17.14 -20.78
CA CYS A 14 -14.55 18.22 -21.37
C CYS A 14 -14.34 17.95 -22.86
N VAL A 15 -15.02 18.74 -23.69
CA VAL A 15 -14.92 18.51 -25.14
C VAL A 15 -13.89 19.42 -25.79
N LYS A 16 -13.07 18.83 -26.65
CA LYS A 16 -12.00 19.56 -27.30
C LYS A 16 -12.55 20.40 -28.44
N LEU A 17 -12.22 21.69 -28.40
CA LEU A 17 -12.70 22.63 -29.41
C LEU A 17 -11.53 23.46 -29.89
N LYS A 18 -11.58 23.89 -31.15
CA LYS A 18 -10.57 24.79 -31.68
C LYS A 18 -10.57 26.08 -30.87
N ASN A 19 -9.38 26.54 -30.51
CA ASN A 19 -9.25 27.84 -29.84
C ASN A 19 -9.20 28.93 -30.91
N ASP A 20 -10.37 29.27 -31.44
CA ASP A 20 -10.48 30.25 -32.52
C ASP A 20 -10.32 31.67 -31.98
N PRO A 21 -9.51 32.51 -32.67
CA PRO A 21 -9.16 33.85 -32.21
C PRO A 21 -10.33 34.85 -32.10
N ARG A 22 -11.37 34.64 -32.90
CA ARG A 22 -12.53 35.53 -32.89
C ARG A 22 -13.57 35.09 -31.88
N SER A 23 -13.21 35.26 -30.62
CA SER A 23 -14.04 34.86 -29.50
C SER A 23 -13.75 35.77 -28.32
N SER A 24 -14.81 36.13 -27.59
CA SER A 24 -14.69 36.95 -26.38
C SER A 24 -14.71 36.08 -25.11
N GLU A 25 -14.76 34.77 -25.31
CA GLU A 25 -14.80 33.84 -24.19
C GLU A 25 -13.39 33.32 -23.88
N PRO A 26 -12.96 33.42 -22.62
CA PRO A 26 -11.63 32.94 -22.24
C PRO A 26 -11.50 31.42 -22.45
N ALA A 27 -10.45 31.02 -23.14
CA ALA A 27 -10.19 29.60 -23.41
C ALA A 27 -9.77 28.87 -22.14
N LEU A 28 -10.29 27.66 -21.97
CA LEU A 28 -9.89 26.81 -20.86
C LEU A 28 -8.93 25.73 -21.31
N SER A 29 -7.82 25.60 -20.58
CA SER A 29 -6.92 24.48 -20.74
C SER A 29 -7.62 23.20 -20.26
N LEU A 30 -7.09 22.05 -20.67
CA LEU A 30 -7.69 20.76 -20.37
C LEU A 30 -7.93 20.53 -18.87
N GLU A 31 -6.88 20.72 -18.08
CA GLU A 31 -6.94 20.47 -16.63
C GLU A 31 -7.89 21.43 -15.93
N ALA A 32 -7.87 22.69 -16.35
CA ALA A 32 -8.79 23.71 -15.82
C ALA A 32 -10.24 23.35 -16.08
N CYS A 33 -10.54 22.83 -17.28
CA CYS A 33 -11.88 22.35 -17.58
C CYS A 33 -12.25 21.16 -16.69
N LYS A 34 -11.33 20.20 -16.58
CA LYS A 34 -11.57 18.99 -15.79
C LYS A 34 -11.85 19.30 -14.32
N MET A 35 -11.10 20.24 -13.75
CA MET A 35 -11.24 20.62 -12.34
C MET A 35 -12.68 20.95 -11.93
N PHE A 36 -13.45 21.53 -12.84
CA PHE A 36 -14.83 21.92 -12.53
C PHE A 36 -15.89 21.12 -13.27
N CYS A 37 -15.50 20.49 -14.37
CA CYS A 37 -16.43 19.66 -15.13
C CYS A 37 -16.69 18.35 -14.40
N ASN A 38 -15.66 17.81 -13.75
CA ASN A 38 -15.78 16.58 -12.98
C ASN A 38 -16.37 16.86 -11.59
N GLU A 39 -17.22 15.95 -11.13
CA GLU A 39 -17.84 16.04 -9.80
C GLU A 39 -16.78 16.27 -8.71
N TYR A 40 -15.66 15.55 -8.79
CA TYR A 40 -14.61 15.67 -7.78
C TYR A 40 -13.32 16.29 -8.31
N GLY A 41 -13.42 16.98 -9.44
CA GLY A 41 -12.29 17.67 -10.04
C GLY A 41 -11.13 16.74 -10.37
N LEU A 42 -9.93 17.10 -9.94
CA LEU A 42 -8.74 16.28 -10.15
C LEU A 42 -8.28 15.51 -8.90
N LEU A 43 -9.16 15.43 -7.91
CA LEU A 43 -8.79 14.81 -6.64
C LEU A 43 -8.76 13.29 -6.70
N TRP A 44 -7.76 12.70 -6.06
CA TRP A 44 -7.70 11.25 -5.88
C TRP A 44 -6.92 10.89 -4.61
N PRO A 45 -7.57 10.17 -3.68
CA PRO A 45 -8.98 9.79 -3.71
C PRO A 45 -9.88 10.99 -3.47
N ARG A 46 -11.13 10.88 -3.91
CA ARG A 46 -12.16 11.87 -3.61
C ARG A 46 -12.41 11.89 -2.09
N PRO A 47 -12.71 13.08 -1.53
CA PRO A 47 -12.99 13.17 -0.08
C PRO A 47 -14.28 12.47 0.33
N THR A 48 -14.38 12.15 1.63
CA THR A 48 -15.56 11.46 2.18
C THR A 48 -16.61 12.41 2.76
N GLY A 49 -16.17 13.57 3.21
CA GLY A 49 -17.08 14.56 3.81
C GLY A 49 -17.41 15.67 2.83
N GLU A 50 -17.14 16.92 3.24
CA GLU A 50 -17.34 18.07 2.37
C GLU A 50 -16.37 18.06 1.19
N ALA A 51 -16.89 18.34 0.00
CA ALA A 51 -16.09 18.35 -1.22
C ALA A 51 -16.47 19.54 -2.10
N ASP A 52 -16.34 20.75 -1.54
CA ASP A 52 -16.75 21.98 -2.22
C ASP A 52 -15.55 22.65 -2.87
N LEU A 53 -15.51 22.60 -4.20
CA LEU A 53 -14.41 23.17 -4.95
C LEU A 53 -14.74 24.54 -5.57
N GLY A 54 -15.95 25.03 -5.33
CA GLY A 54 -16.36 26.33 -5.87
C GLY A 54 -16.43 26.33 -7.37
N ASN A 55 -16.13 27.48 -7.98
CA ASN A 55 -16.27 27.63 -9.43
C ASN A 55 -15.07 28.25 -10.13
N PHE A 56 -14.12 28.77 -9.36
CA PHE A 56 -13.05 29.60 -9.92
C PHE A 56 -11.62 29.16 -9.58
N LEU A 57 -10.68 29.60 -10.42
CA LEU A 57 -9.26 29.40 -10.19
C LEU A 57 -8.55 30.74 -10.04
N SER A 58 -7.49 30.76 -9.25
CA SER A 58 -6.65 31.94 -9.09
C SER A 58 -5.24 31.66 -9.56
N LYS A 59 -4.65 32.64 -10.24
CA LYS A 59 -3.27 32.55 -10.66
C LYS A 59 -2.36 32.77 -9.46
N ILE A 60 -1.41 31.85 -9.23
CA ILE A 60 -0.50 31.99 -8.10
C ILE A 60 0.96 31.97 -8.52
N ASN A 61 1.80 32.61 -7.70
CA ASN A 61 3.25 32.63 -7.89
C ASN A 61 3.87 31.44 -7.19
N LEU A 62 4.48 30.54 -7.97
CA LEU A 62 5.15 29.34 -7.45
C LEU A 62 6.13 29.66 -6.33
N ASN A 63 6.94 30.71 -6.52
CA ASN A 63 7.97 31.11 -5.57
C ASN A 63 7.45 31.88 -4.35
N SER A 64 6.14 32.00 -4.22
CA SER A 64 5.53 32.76 -3.12
C SER A 64 4.61 31.91 -2.26
N ILE A 65 4.93 30.62 -2.14
CA ILE A 65 4.18 29.72 -1.28
C ILE A 65 4.95 29.56 0.04
N GLU A 66 4.28 29.91 1.14
CA GLU A 66 4.87 29.82 2.47
C GLU A 66 4.02 28.94 3.36
N VAL A 67 4.67 27.96 4.00
CA VAL A 67 3.98 27.06 4.92
C VAL A 67 4.33 27.42 6.37
N LYS A 68 3.30 27.56 7.20
CA LYS A 68 3.47 27.95 8.59
C LYS A 68 2.87 26.92 9.55
N ILE A 69 3.73 26.36 10.40
CA ILE A 69 3.30 25.45 11.47
C ILE A 69 2.79 26.29 12.63
N LEU A 70 1.51 26.11 12.98
CA LEU A 70 0.90 26.93 14.03
C LEU A 70 0.98 26.31 15.43
N LYS A 71 1.10 24.99 15.48
CA LYS A 71 1.24 24.28 16.75
C LYS A 71 2.47 23.37 16.76
N LYS A 72 3.41 23.68 17.65
CA LYS A 72 4.64 22.90 17.80
C LYS A 72 4.45 21.73 18.76
N GLY A 73 5.24 20.67 18.55
CA GLY A 73 5.20 19.47 19.38
C GLY A 73 6.30 18.49 19.06
N ALA A 74 6.11 17.23 19.45
CA ALA A 74 7.11 16.18 19.22
C ALA A 74 7.26 15.83 17.73
N THR A 75 6.23 16.13 16.94
CA THR A 75 6.26 15.86 15.50
C THR A 75 6.81 17.03 14.67
N ASP A 76 7.50 17.96 15.34
CA ASP A 76 8.08 19.13 14.68
C ASP A 76 8.91 18.77 13.44
N ASP A 77 9.79 17.78 13.59
CA ASP A 77 10.66 17.35 12.49
C ASP A 77 9.86 16.74 11.33
N LEU A 78 8.79 16.02 11.65
CA LEU A 78 7.92 15.41 10.64
C LEU A 78 7.08 16.47 9.92
N MET A 79 6.55 17.43 10.68
CA MET A 79 5.76 18.53 10.13
C MET A 79 6.60 19.43 9.24
N GLU A 80 7.82 19.75 9.67
CA GLU A 80 8.76 20.56 8.91
C GLU A 80 9.23 19.88 7.63
N ALA A 81 9.44 18.57 7.70
CA ALA A 81 9.80 17.78 6.52
C ALA A 81 8.64 17.72 5.52
N ALA A 82 7.43 17.52 6.03
CA ALA A 82 6.22 17.48 5.21
C ALA A 82 5.94 18.82 4.54
N ALA A 83 6.21 19.90 5.28
CA ALA A 83 6.03 21.27 4.78
C ALA A 83 7.03 21.60 3.69
N LYS A 84 8.29 21.25 3.90
CA LYS A 84 9.35 21.47 2.92
C LYS A 84 9.04 20.74 1.61
N ARG A 85 8.40 19.59 1.74
CA ARG A 85 8.08 18.72 0.61
C ARG A 85 6.90 19.24 -0.20
N PHE A 86 6.22 20.27 0.32
CA PHE A 86 5.00 20.79 -0.28
C PHE A 86 5.21 21.48 -1.61
N LYS A 87 6.23 22.35 -1.69
CA LYS A 87 6.57 23.04 -2.94
C LYS A 87 6.81 22.02 -4.05
N GLU A 88 7.58 20.98 -3.72
CA GLU A 88 7.89 19.89 -4.65
C GLU A 88 6.61 19.25 -5.19
N GLN A 89 5.67 18.94 -4.28
CA GLN A 89 4.36 18.40 -4.65
C GLN A 89 3.59 19.32 -5.60
N VAL A 90 3.61 20.62 -5.30
CA VAL A 90 2.89 21.61 -6.11
C VAL A 90 3.44 21.67 -7.55
N SER A 91 4.77 21.61 -7.68
CA SER A 91 5.44 21.58 -8.99
C SER A 91 5.04 20.38 -9.86
N LEU A 92 4.40 19.39 -9.26
CA LEU A 92 3.89 18.22 -9.97
C LEU A 92 2.69 18.53 -10.88
N ALA A 93 2.09 19.70 -10.68
CA ALA A 93 1.04 20.18 -11.58
C ALA A 93 1.64 20.65 -12.91
N ILE A 94 2.90 21.07 -12.86
CA ILE A 94 3.60 21.61 -14.02
C ILE A 94 4.32 20.48 -14.77
N PRO A 95 3.97 20.28 -16.06
CA PRO A 95 4.65 19.29 -16.91
C PRO A 95 6.14 19.58 -17.06
N ARG A 96 6.94 18.52 -17.15
CA ARG A 96 8.39 18.64 -17.34
C ARG A 96 8.72 19.42 -18.61
N GLY A 97 9.65 20.37 -18.50
CA GLY A 97 10.03 21.22 -19.62
C GLY A 97 9.28 22.54 -19.66
N SER A 98 8.07 22.55 -19.10
CA SER A 98 7.27 23.77 -18.98
C SER A 98 7.68 24.57 -17.75
N THR A 99 7.65 25.90 -17.87
CA THR A 99 7.93 26.79 -16.75
C THR A 99 6.80 27.81 -16.58
N PRO A 100 6.25 27.92 -15.37
CA PRO A 100 5.17 28.88 -15.15
C PRO A 100 5.68 30.32 -15.03
N LYS A 101 4.83 31.27 -15.37
CA LYS A 101 5.18 32.68 -15.18
C LYS A 101 5.12 33.00 -13.69
N LEU A 102 6.17 33.64 -13.20
CA LEU A 102 6.28 33.98 -11.78
C LEU A 102 5.49 35.24 -11.46
N THR A 103 4.17 35.12 -11.52
CA THR A 103 3.24 36.20 -11.25
C THR A 103 2.05 35.62 -10.52
N GLY A 104 1.18 36.48 -10.00
CA GLY A 104 -0.02 36.03 -9.32
C GLY A 104 0.12 36.12 -7.82
N LYS A 105 -0.84 35.53 -7.12
CA LYS A 105 -0.97 35.66 -5.67
C LYS A 105 0.06 34.85 -4.89
N ALA A 106 0.29 35.25 -3.65
CA ALA A 106 1.10 34.48 -2.71
C ALA A 106 0.19 33.55 -1.93
N VAL A 107 0.69 32.36 -1.59
CA VAL A 107 -0.12 31.38 -0.88
C VAL A 107 0.43 31.15 0.52
N ASP A 108 -0.41 31.40 1.52
CA ASP A 108 -0.07 31.10 2.91
C ASP A 108 -0.75 29.80 3.29
N VAL A 109 0.06 28.79 3.57
CA VAL A 109 -0.46 27.50 4.04
C VAL A 109 -0.29 27.44 5.56
N TYR A 110 -1.42 27.29 6.27
CA TYR A 110 -1.40 27.20 7.72
C TYR A 110 -1.69 25.78 8.15
N LEU A 111 -0.75 25.19 8.89
CA LEU A 111 -0.92 23.83 9.39
C LEU A 111 -1.27 23.83 10.88
N VAL A 112 -2.46 23.31 11.17
CA VAL A 112 -2.95 23.20 12.55
C VAL A 112 -3.05 21.73 12.95
N ASN A 113 -2.03 21.27 13.68
CA ASN A 113 -1.99 19.93 14.25
C ASN A 113 -2.50 19.99 15.69
N GLU A 114 -3.70 19.46 15.92
CA GLU A 114 -4.38 19.56 17.22
C GLU A 114 -3.70 18.75 18.32
N ASN A 115 -3.01 17.68 17.94
CA ASN A 115 -2.24 16.87 18.90
C ASN A 115 -0.81 16.63 18.39
N PRO A 116 0.04 17.68 18.48
CA PRO A 116 1.36 17.71 17.83
C PRO A 116 2.43 16.77 18.41
N ASN A 117 2.09 16.00 19.44
CA ASN A 117 3.01 15.02 20.02
C ASN A 117 2.80 13.62 19.44
N GLU A 118 1.61 13.39 18.90
CA GLU A 118 1.17 12.09 18.42
C GLU A 118 1.90 11.68 17.12
N LYS A 119 2.63 10.57 17.17
CA LYS A 119 3.29 10.07 15.95
C LYS A 119 3.38 8.55 15.86
N ALA A 120 2.54 7.85 16.64
CA ALA A 120 2.54 6.40 16.61
C ALA A 120 1.50 5.86 15.62
N PHE A 121 1.89 4.84 14.88
CA PHE A 121 0.95 4.12 14.04
C PHE A 121 0.08 3.22 14.92
N SER A 122 -1.21 3.21 14.62
CA SER A 122 -2.16 2.33 15.30
C SER A 122 -3.41 2.21 14.44
N LEU A 123 -4.15 1.11 14.61
CA LEU A 123 -5.39 0.92 13.89
C LEU A 123 -6.46 1.93 14.31
N GLU A 124 -6.26 2.56 15.46
CA GLU A 124 -7.19 3.55 16.00
C GLU A 124 -6.76 5.00 15.73
N MET A 125 -5.63 5.19 15.05
CA MET A 125 -5.08 6.53 14.81
C MET A 125 -6.05 7.39 13.98
N ASP A 126 -5.99 8.70 14.21
CA ASP A 126 -6.91 9.63 13.55
C ASP A 126 -6.27 10.23 12.30
N GLU A 127 -6.82 9.86 11.14
CA GLU A 127 -6.29 10.29 9.84
C GLU A 127 -7.18 11.36 9.19
N SER A 128 -8.13 11.90 9.95
CA SER A 128 -9.04 12.94 9.45
C SER A 128 -8.37 14.30 9.34
N TYR A 129 -8.92 15.16 8.50
CA TYR A 129 -8.46 16.53 8.35
C TYR A 129 -9.57 17.42 7.79
N GLY A 130 -9.39 18.73 7.95
CA GLY A 130 -10.24 19.72 7.32
C GLY A 130 -9.37 20.60 6.46
N LEU A 131 -9.86 20.94 5.27
CA LEU A 131 -9.11 21.80 4.36
C LEU A 131 -9.99 22.95 3.89
N ARG A 132 -9.50 24.17 4.10
CA ARG A 132 -10.20 25.36 3.66
C ARG A 132 -9.27 26.26 2.88
N VAL A 133 -9.71 26.67 1.69
CA VAL A 133 -8.99 27.62 0.86
C VAL A 133 -9.92 28.79 0.56
N SER A 134 -9.42 30.01 0.77
CA SER A 134 -10.17 31.23 0.48
C SER A 134 -9.21 32.37 0.20
N PRO A 135 -9.65 33.38 -0.59
CA PRO A 135 -8.80 34.55 -0.81
C PRO A 135 -8.49 35.27 0.50
N SER A 136 -7.28 35.80 0.60
CA SER A 136 -6.85 36.53 1.78
C SER A 136 -6.32 37.90 1.36
N GLY A 137 -7.06 38.94 1.73
CA GLY A 137 -6.77 40.30 1.29
C GLY A 137 -7.03 40.43 -0.20
N ALA A 138 -6.19 41.21 -0.87
CA ALA A 138 -6.32 41.42 -2.31
C ALA A 138 -5.24 40.68 -3.10
N ASP A 139 -4.24 40.18 -2.39
CA ASP A 139 -2.97 39.79 -3.01
C ASP A 139 -2.50 38.38 -2.66
N ARG A 140 -3.27 37.68 -1.81
CA ARG A 140 -2.85 36.36 -1.35
C ARG A 140 -3.96 35.35 -1.07
N VAL A 141 -3.56 34.14 -0.71
CA VAL A 141 -4.47 33.02 -0.50
C VAL A 141 -4.25 32.41 0.89
N ASN A 142 -5.34 32.11 1.58
CA ASN A 142 -5.31 31.41 2.86
C ASN A 142 -5.73 29.95 2.71
N ALA A 143 -4.75 29.05 2.79
CA ALA A 143 -5.03 27.62 2.81
C ALA A 143 -4.79 27.10 4.22
N THR A 144 -5.84 26.67 4.89
CA THR A 144 -5.72 26.18 6.26
C THR A 144 -6.08 24.70 6.38
N ILE A 145 -5.13 23.91 6.87
CA ILE A 145 -5.34 22.49 7.13
C ILE A 145 -5.41 22.28 8.64
N THR A 146 -6.52 21.69 9.08
CA THR A 146 -6.74 21.39 10.49
C THR A 146 -6.93 19.90 10.66
N ALA A 147 -6.10 19.29 11.50
CA ALA A 147 -6.16 17.86 11.72
C ALA A 147 -5.83 17.48 13.17
N ASN A 148 -6.40 16.36 13.61
CA ASN A 148 -6.18 15.86 14.96
C ASN A 148 -4.79 15.25 15.20
N SER A 149 -4.07 14.95 14.13
CA SER A 149 -2.70 14.41 14.24
C SER A 149 -1.86 14.79 13.01
N PHE A 150 -0.57 14.47 13.08
CA PHE A 150 0.33 14.68 11.95
C PHE A 150 -0.14 13.92 10.71
N PHE A 151 -0.62 12.69 10.91
CA PHE A 151 -1.03 11.84 9.79
C PHE A 151 -2.20 12.44 8.99
N GLY A 152 -3.21 12.93 9.70
CA GLY A 152 -4.31 13.67 9.07
C GLY A 152 -3.82 14.93 8.35
N MET A 153 -2.92 15.65 9.01
CA MET A 153 -2.33 16.87 8.46
C MET A 153 -1.57 16.60 7.17
N ARG A 154 -0.82 15.50 7.15
CA ARG A 154 -0.04 15.10 5.98
C ARG A 154 -0.95 14.75 4.80
N HIS A 155 -2.04 14.04 5.08
CA HIS A 155 -3.06 13.77 4.06
C HIS A 155 -3.65 15.07 3.50
N GLY A 156 -3.91 16.03 4.40
CA GLY A 156 -4.42 17.35 4.01
C GLY A 156 -3.50 18.10 3.06
N LEU A 157 -2.20 18.06 3.33
CA LEU A 157 -1.20 18.61 2.41
C LEU A 157 -1.24 17.93 1.05
N GLU A 158 -1.46 16.62 1.04
CA GLU A 158 -1.55 15.85 -0.20
C GLU A 158 -2.74 16.34 -1.05
N THR A 159 -3.92 16.37 -0.44
CA THR A 159 -5.12 16.88 -1.09
C THR A 159 -4.93 18.30 -1.61
N LEU A 160 -4.36 19.16 -0.78
CA LEU A 160 -4.10 20.55 -1.14
C LEU A 160 -3.24 20.69 -2.39
N SER A 161 -2.18 19.87 -2.50
CA SER A 161 -1.30 19.89 -3.67
C SER A 161 -2.05 19.54 -4.96
N GLN A 162 -3.11 18.75 -4.84
CA GLN A 162 -3.93 18.36 -5.99
C GLN A 162 -4.89 19.48 -6.45
N LEU A 163 -4.93 20.58 -5.71
CA LEU A 163 -5.80 21.71 -6.04
C LEU A 163 -5.09 22.75 -6.91
N PHE A 164 -3.89 22.41 -7.36
CA PHE A 164 -3.13 23.25 -8.29
C PHE A 164 -3.21 22.67 -9.69
N VAL A 165 -3.37 23.55 -10.68
CA VAL A 165 -3.41 23.16 -12.09
C VAL A 165 -2.53 24.07 -12.92
N PHE A 166 -1.85 23.48 -13.89
CA PHE A 166 -1.04 24.26 -14.81
C PHE A 166 -1.85 24.53 -16.07
N ASP A 167 -2.02 25.81 -16.37
CA ASP A 167 -2.63 26.27 -17.61
C ASP A 167 -1.52 26.32 -18.66
N ASP A 168 -1.52 25.35 -19.57
CA ASP A 168 -0.46 25.25 -20.57
C ASP A 168 -0.74 26.09 -21.82
N ILE A 169 -1.93 26.69 -21.87
CA ILE A 169 -2.26 27.67 -22.91
C ILE A 169 -1.56 28.99 -22.60
N ARG A 170 -1.62 29.40 -21.33
CA ARG A 170 -1.08 30.68 -20.87
C ARG A 170 0.24 30.57 -20.09
N ASP A 171 0.66 29.35 -19.78
CA ASP A 171 1.80 29.09 -18.88
C ASP A 171 1.58 29.70 -17.48
N HIS A 172 0.37 29.51 -16.93
CA HIS A 172 0.04 30.01 -15.59
C HIS A 172 -0.17 28.86 -14.63
N LEU A 173 0.37 29.00 -13.41
CA LEU A 173 0.04 28.08 -12.33
C LEU A 173 -1.22 28.57 -11.63
N LEU A 174 -2.22 27.70 -11.57
CA LEU A 174 -3.51 28.07 -11.02
C LEU A 174 -3.85 27.24 -9.79
N MET A 175 -4.73 27.78 -8.96
CA MET A 175 -5.15 27.14 -7.72
C MET A 175 -6.63 27.38 -7.54
N VAL A 176 -7.34 26.36 -7.08
CA VAL A 176 -8.77 26.48 -6.80
C VAL A 176 -8.97 27.58 -5.74
N ARG A 177 -9.87 28.51 -6.03
CA ARG A 177 -10.00 29.74 -5.24
C ARG A 177 -10.74 29.52 -3.93
N ASP A 178 -11.84 28.78 -4.00
CA ASP A 178 -12.72 28.60 -2.85
C ASP A 178 -12.96 27.12 -2.58
N VAL A 179 -12.34 26.61 -1.51
CA VAL A 179 -12.41 25.20 -1.17
C VAL A 179 -12.90 24.98 0.27
N ASN A 180 -13.88 24.10 0.42
CA ASN A 180 -14.19 23.52 1.72
C ASN A 180 -14.21 22.00 1.67
N ILE A 181 -13.21 21.38 2.29
CA ILE A 181 -13.11 19.93 2.33
C ILE A 181 -13.01 19.41 3.76
N SER A 182 -13.81 18.39 4.07
CA SER A 182 -13.62 17.57 5.26
C SER A 182 -13.49 16.12 4.80
N ASP A 183 -12.60 15.36 5.45
CA ASP A 183 -12.19 14.07 4.90
C ASP A 183 -11.65 13.14 5.98
N LYS A 184 -11.91 11.84 5.81
CA LYS A 184 -11.32 10.79 6.65
C LYS A 184 -11.53 9.41 6.02
N PRO A 185 -10.57 8.49 6.19
CA PRO A 185 -10.66 7.20 5.52
C PRO A 185 -11.71 6.28 6.13
N VAL A 186 -12.36 5.48 5.30
CA VAL A 186 -13.29 4.44 5.74
C VAL A 186 -12.56 3.31 6.48
N TYR A 187 -11.40 2.89 5.95
CA TYR A 187 -10.60 1.82 6.56
C TYR A 187 -9.22 2.32 7.03
N PRO A 188 -8.78 1.87 8.23
CA PRO A 188 -7.49 2.27 8.79
C PRO A 188 -6.27 1.55 8.18
N TYR A 189 -6.49 0.39 7.56
CA TYR A 189 -5.39 -0.37 6.96
C TYR A 189 -5.52 -0.36 5.44
N ARG A 190 -4.62 0.38 4.78
CA ARG A 190 -4.67 0.55 3.33
C ARG A 190 -3.28 0.26 2.78
N GLY A 191 -3.08 -0.97 2.30
CA GLY A 191 -1.73 -1.46 2.10
C GLY A 191 -1.30 -1.95 0.73
N ILE A 192 0.02 -2.10 0.59
CA ILE A 192 0.63 -2.82 -0.51
C ILE A 192 1.60 -3.84 0.08
N LEU A 193 1.48 -5.09 -0.35
CA LEU A 193 2.48 -6.10 -0.02
C LEU A 193 3.55 -6.09 -1.10
N LEU A 194 4.81 -5.99 -0.67
CA LEU A 194 5.96 -6.17 -1.56
C LEU A 194 6.78 -7.37 -1.13
N ASP A 195 6.86 -8.34 -2.03
CA ASP A 195 7.65 -9.55 -1.86
C ASP A 195 9.06 -9.23 -2.36
N THR A 196 10.03 -9.18 -1.44
CA THR A 196 11.41 -8.85 -1.83
C THR A 196 12.34 -10.06 -1.63
N ALA A 197 11.74 -11.25 -1.69
CA ALA A 197 12.48 -12.49 -1.50
C ALA A 197 12.51 -13.32 -2.78
N ARG A 198 11.41 -13.30 -3.53
CA ARG A 198 11.37 -14.00 -4.81
C ARG A 198 12.22 -13.28 -5.85
N ASN A 199 12.36 -11.97 -5.67
CA ASN A 199 13.34 -11.17 -6.41
C ASN A 199 13.70 -9.96 -5.56
N TYR A 200 14.89 -9.42 -5.76
CA TYR A 200 15.35 -8.27 -4.99
C TYR A 200 14.83 -6.95 -5.54
N TYR A 201 14.52 -6.01 -4.64
CA TYR A 201 14.08 -4.67 -5.00
C TYR A 201 15.06 -3.69 -4.38
N SER A 202 15.60 -2.79 -5.20
CA SER A 202 16.52 -1.78 -4.70
C SER A 202 15.80 -0.93 -3.67
N ILE A 203 16.52 -0.46 -2.65
CA ILE A 203 15.86 0.37 -1.64
C ILE A 203 15.36 1.69 -2.26
N GLU A 204 16.05 2.18 -3.29
CA GLU A 204 15.56 3.31 -4.10
C GLU A 204 14.14 3.05 -4.61
N SER A 205 13.91 1.86 -5.16
CA SER A 205 12.61 1.48 -5.72
C SER A 205 11.54 1.35 -4.61
N ILE A 206 11.95 0.89 -3.45
CA ILE A 206 11.06 0.78 -2.29
C ILE A 206 10.62 2.17 -1.82
N LYS A 207 11.56 3.11 -1.74
CA LYS A 207 11.24 4.49 -1.35
C LYS A 207 10.32 5.19 -2.36
N ARG A 208 10.61 4.97 -3.64
CA ARG A 208 9.76 5.47 -4.74
C ARG A 208 8.31 4.96 -4.62
N THR A 209 8.17 3.69 -4.26
CA THR A 209 6.86 3.07 -3.99
C THR A 209 6.13 3.79 -2.85
N ILE A 210 6.85 4.08 -1.78
CA ILE A 210 6.30 4.83 -0.63
C ILE A 210 5.84 6.23 -1.05
N GLU A 211 6.63 6.91 -1.89
CA GLU A 211 6.24 8.22 -2.43
C GLU A 211 4.89 8.16 -3.16
N ALA A 212 4.73 7.17 -4.03
CA ALA A 212 3.49 7.00 -4.78
C ALA A 212 2.33 6.57 -3.88
N MET A 213 2.63 5.81 -2.84
CA MET A 213 1.62 5.39 -1.85
C MET A 213 1.03 6.60 -1.15
N ALA A 214 1.92 7.48 -0.67
CA ALA A 214 1.52 8.68 0.07
C ALA A 214 0.71 9.65 -0.80
N ALA A 215 0.97 9.64 -2.11
CA ALA A 215 0.28 10.48 -3.07
C ALA A 215 -1.20 10.17 -3.16
N VAL A 216 -1.56 8.93 -2.86
CA VAL A 216 -2.97 8.50 -2.85
C VAL A 216 -3.44 8.01 -1.48
N LYS A 217 -2.68 8.39 -0.45
CA LYS A 217 -3.01 8.18 0.98
C LYS A 217 -3.04 6.72 1.44
N LEU A 218 -2.34 5.84 0.73
CA LEU A 218 -2.11 4.49 1.23
C LEU A 218 -1.16 4.60 2.42
N ASN A 219 -1.34 3.77 3.44
CA ASN A 219 -0.62 3.98 4.70
C ASN A 219 0.17 2.78 5.25
N THR A 220 0.19 1.68 4.50
CA THR A 220 0.83 0.46 4.98
C THR A 220 1.64 -0.24 3.91
N PHE A 221 2.93 -0.38 4.18
CA PHE A 221 3.80 -1.12 3.33
C PHE A 221 4.15 -2.42 4.04
N HIS A 222 3.62 -3.51 3.50
CA HIS A 222 3.78 -4.85 4.05
C HIS A 222 4.97 -5.47 3.32
N TRP A 223 6.08 -5.57 4.04
CA TRP A 223 7.35 -6.00 3.48
C TRP A 223 7.54 -7.50 3.72
N HIS A 224 7.22 -8.30 2.70
CA HIS A 224 7.41 -9.74 2.73
C HIS A 224 8.87 -10.00 2.39
N ILE A 225 9.71 -9.94 3.42
CA ILE A 225 11.15 -9.80 3.25
C ILE A 225 11.92 -11.12 3.06
N THR A 226 11.36 -12.23 3.55
CA THR A 226 12.01 -13.53 3.41
C THR A 226 11.07 -14.55 2.77
N ASP A 227 11.64 -15.56 2.14
CA ASP A 227 10.88 -16.71 1.67
C ASP A 227 11.88 -17.83 1.40
N SER A 228 11.42 -18.90 0.76
CA SER A 228 12.30 -20.04 0.49
C SER A 228 13.44 -19.67 -0.48
N GLN A 229 13.18 -18.73 -1.39
CA GLN A 229 14.14 -18.33 -2.44
C GLN A 229 15.32 -17.49 -1.97
N SER A 230 15.13 -16.68 -0.93
CA SER A 230 16.21 -15.83 -0.40
C SER A 230 15.92 -15.25 0.97
N PHE A 231 17.00 -14.83 1.64
CA PHE A 231 16.94 -14.17 2.93
C PHE A 231 17.79 -12.90 2.84
N PRO A 232 17.20 -11.79 2.36
CA PRO A 232 17.96 -10.54 2.23
C PRO A 232 18.01 -9.70 3.50
N PHE A 233 17.20 -10.04 4.49
CA PHE A 233 17.18 -9.32 5.75
C PHE A 233 18.48 -9.55 6.53
N VAL A 234 19.18 -8.46 6.84
CA VAL A 234 20.43 -8.55 7.61
C VAL A 234 20.13 -8.72 9.11
N THR A 235 20.20 -9.98 9.56
CA THR A 235 20.12 -10.34 10.97
C THR A 235 21.51 -10.24 11.56
N THR A 236 21.73 -9.27 12.44
CA THR A 236 23.01 -9.14 13.12
C THR A 236 23.28 -10.34 14.04
N LYS A 237 22.22 -10.84 14.68
CA LYS A 237 22.35 -11.96 15.63
C LYS A 237 22.54 -13.32 14.98
N ARG A 238 21.98 -13.51 13.78
CA ARG A 238 22.15 -14.76 13.05
C ARG A 238 22.63 -14.49 11.62
N PRO A 239 23.87 -13.97 11.49
CA PRO A 239 24.39 -13.46 10.22
C PRO A 239 24.49 -14.48 9.08
N ASN A 240 24.63 -15.77 9.41
CA ASN A 240 24.68 -16.82 8.37
C ASN A 240 23.40 -16.93 7.53
N LEU A 241 22.27 -16.55 8.11
CA LEU A 241 21.00 -16.58 7.37
C LEU A 241 21.03 -15.70 6.13
N TYR A 242 21.52 -14.46 6.27
CA TYR A 242 21.64 -13.58 5.10
C TYR A 242 22.90 -13.82 4.28
N LYS A 243 23.99 -14.24 4.94
CA LYS A 243 25.21 -14.59 4.22
C LYS A 243 24.98 -15.76 3.25
N PHE A 244 24.31 -16.81 3.72
CA PHE A 244 24.00 -17.95 2.85
C PHE A 244 22.74 -17.69 2.02
N GLY A 245 21.84 -16.86 2.55
CA GLY A 245 20.50 -16.70 1.98
C GLY A 245 20.32 -15.66 0.91
N ALA A 246 21.16 -14.63 0.91
CA ALA A 246 21.01 -13.53 -0.06
C ALA A 246 21.36 -14.00 -1.48
N LEU A 247 20.72 -13.37 -2.47
CA LEU A 247 20.97 -13.68 -3.87
C LEU A 247 22.38 -13.23 -4.28
N SER A 248 22.89 -12.23 -3.57
CA SER A 248 24.24 -11.73 -3.73
C SER A 248 24.54 -10.88 -2.50
N PRO A 249 25.83 -10.59 -2.22
CA PRO A 249 26.21 -9.78 -1.07
C PRO A 249 25.63 -8.37 -1.11
N GLN A 250 25.37 -7.85 -2.30
CA GLN A 250 24.83 -6.51 -2.47
C GLN A 250 23.29 -6.51 -2.41
N LYS A 251 22.69 -7.67 -2.67
CA LYS A 251 21.23 -7.82 -2.66
C LYS A 251 20.75 -8.16 -1.26
N VAL A 252 20.84 -7.14 -0.41
CA VAL A 252 20.68 -7.29 1.02
C VAL A 252 19.99 -6.03 1.54
N TYR A 253 19.32 -6.15 2.69
CA TYR A 253 18.74 -5.01 3.38
C TYR A 253 19.38 -4.84 4.75
N THR A 254 20.35 -3.94 4.82
CA THR A 254 21.10 -3.66 6.04
C THR A 254 20.21 -2.94 7.05
N LYS A 255 20.68 -2.86 8.30
CA LYS A 255 19.97 -2.12 9.33
C LYS A 255 19.82 -0.65 8.94
N ALA A 256 20.89 -0.05 8.42
CA ALA A 256 20.87 1.34 7.98
C ALA A 256 19.87 1.58 6.85
N ALA A 257 19.80 0.63 5.90
CA ALA A 257 18.85 0.76 4.79
C ALA A 257 17.40 0.65 5.26
N ILE A 258 17.13 -0.32 6.14
CA ILE A 258 15.78 -0.50 6.67
C ILE A 258 15.35 0.71 7.51
N ARG A 259 16.24 1.20 8.37
CA ARG A 259 15.97 2.42 9.13
C ARG A 259 15.62 3.60 8.21
N GLU A 260 16.35 3.71 7.10
CA GLU A 260 16.09 4.74 6.10
C GLU A 260 14.68 4.61 5.51
N VAL A 261 14.30 3.39 5.13
CA VAL A 261 12.98 3.12 4.56
C VAL A 261 11.86 3.38 5.58
N VAL A 262 12.06 2.92 6.81
CA VAL A 262 11.09 3.08 7.89
C VAL A 262 10.83 4.56 8.20
N ARG A 263 11.89 5.35 8.28
CA ARG A 263 11.80 6.80 8.50
C ARG A 263 11.12 7.51 7.32
N PHE A 264 11.53 7.14 6.10
CA PHE A 264 10.95 7.67 4.86
C PHE A 264 9.44 7.43 4.85
N GLY A 265 9.04 6.24 5.29
CA GLY A 265 7.62 5.89 5.46
C GLY A 265 6.93 6.75 6.50
N LEU A 266 7.55 6.88 7.67
CA LEU A 266 6.96 7.64 8.77
C LEU A 266 6.67 9.08 8.35
N GLU A 267 7.63 9.73 7.73
CA GLU A 267 7.47 11.09 7.22
C GLU A 267 6.29 11.24 6.27
N ARG A 268 5.90 10.12 5.64
CA ARG A 268 4.86 10.11 4.62
C ARG A 268 3.58 9.38 5.05
N GLY A 269 3.47 9.12 6.35
CA GLY A 269 2.27 8.48 6.91
C GLY A 269 2.14 7.01 6.53
N VAL A 270 3.26 6.37 6.21
CA VAL A 270 3.28 4.96 5.82
C VAL A 270 3.98 4.08 6.86
N ARG A 271 3.18 3.19 7.45
CA ARG A 271 3.63 2.15 8.37
C ARG A 271 4.38 1.07 7.57
N VAL A 272 5.63 0.81 7.96
CA VAL A 272 6.40 -0.27 7.34
C VAL A 272 6.30 -1.53 8.20
N LEU A 273 5.53 -2.49 7.71
CA LEU A 273 5.14 -3.68 8.48
C LEU A 273 5.88 -4.92 7.95
N PRO A 274 6.80 -5.47 8.76
CA PRO A 274 7.58 -6.62 8.31
C PRO A 274 6.82 -7.94 8.44
N GLU A 275 7.07 -8.85 7.50
CA GLU A 275 6.61 -10.23 7.62
C GLU A 275 7.79 -11.19 7.66
N PHE A 276 7.81 -12.05 8.69
CA PHE A 276 8.64 -13.24 8.61
C PHE A 276 7.73 -14.44 8.46
N ASP A 277 7.64 -14.94 7.23
CA ASP A 277 6.77 -16.06 6.90
C ASP A 277 7.31 -17.37 7.50
N ALA A 278 6.47 -18.02 8.32
CA ALA A 278 6.82 -19.29 8.96
C ALA A 278 5.55 -20.10 9.24
N PRO A 279 5.67 -21.45 9.29
CA PRO A 279 6.86 -22.29 9.19
C PRO A 279 7.18 -22.79 7.78
N ALA A 280 6.29 -22.56 6.82
CA ALA A 280 6.62 -22.81 5.41
C ALA A 280 7.35 -21.59 4.83
N HIS A 281 7.66 -21.63 3.55
CA HIS A 281 8.29 -20.49 2.86
C HIS A 281 9.61 -20.08 3.54
N VAL A 282 10.41 -21.10 3.86
CA VAL A 282 11.77 -20.92 4.35
C VAL A 282 12.65 -21.87 3.54
N GLY A 283 13.93 -21.55 3.43
CA GLY A 283 14.85 -22.38 2.67
C GLY A 283 16.26 -21.81 2.67
N GLU A 284 16.52 -20.94 1.71
CA GLU A 284 17.83 -20.31 1.59
C GLU A 284 18.20 -19.54 2.85
N GLY A 285 19.44 -19.75 3.30
CA GLY A 285 19.95 -19.12 4.51
C GLY A 285 20.03 -20.09 5.68
N TRP A 286 19.17 -21.11 5.65
CA TRP A 286 19.06 -22.05 6.76
C TRP A 286 19.98 -23.28 6.63
N GLN A 287 20.77 -23.33 5.55
CA GLN A 287 21.71 -24.43 5.33
C GLN A 287 22.67 -24.61 6.51
N ASP A 288 22.99 -25.85 6.82
CA ASP A 288 23.93 -26.23 7.90
C ASP A 288 23.37 -26.10 9.32
N THR A 289 22.13 -25.61 9.46
CA THR A 289 21.53 -25.46 10.78
C THR A 289 20.79 -26.72 11.23
N ASP A 290 20.34 -27.52 10.26
CA ASP A 290 19.47 -28.68 10.50
C ASP A 290 18.10 -28.28 11.09
N LEU A 291 17.70 -27.02 10.87
CA LEU A 291 16.45 -26.49 11.40
C LEU A 291 15.31 -26.46 10.37
N THR A 292 15.60 -26.88 9.14
CA THR A 292 14.58 -27.01 8.11
C THR A 292 14.48 -28.44 7.61
N VAL A 293 13.36 -28.75 6.96
CA VAL A 293 13.19 -29.99 6.22
C VAL A 293 12.69 -29.70 4.80
N CYS A 294 12.93 -30.64 3.90
CA CYS A 294 12.49 -30.57 2.48
C CYS A 294 13.06 -29.44 1.65
N PHE A 295 14.12 -28.78 2.10
CA PHE A 295 14.69 -27.72 1.27
C PHE A 295 15.16 -28.31 -0.05
N LYS A 296 14.62 -27.76 -1.14
CA LYS A 296 14.89 -28.24 -2.50
C LYS A 296 14.45 -29.69 -2.75
N ALA A 297 13.46 -30.14 -1.97
CA ALA A 297 12.90 -31.49 -2.12
C ALA A 297 12.37 -31.73 -3.53
N GLU A 298 12.65 -32.91 -4.08
CA GLU A 298 12.23 -33.29 -5.42
C GLU A 298 11.51 -34.65 -5.42
N PRO A 299 10.44 -34.80 -6.24
CA PRO A 299 9.81 -33.78 -7.07
C PRO A 299 9.07 -32.75 -6.22
N TRP A 300 9.29 -31.46 -6.51
CA TRP A 300 8.76 -30.39 -5.66
C TRP A 300 7.25 -30.37 -5.53
N LYS A 301 6.54 -30.79 -6.59
CA LYS A 301 5.07 -30.81 -6.59
C LYS A 301 4.45 -31.70 -5.52
N SER A 302 5.21 -32.69 -5.05
CA SER A 302 4.74 -33.59 -3.99
C SER A 302 4.88 -32.96 -2.59
N TYR A 303 5.72 -31.94 -2.49
CA TYR A 303 6.11 -31.40 -1.18
C TYR A 303 5.76 -29.94 -0.92
N CYS A 304 5.54 -29.16 -1.99
CA CYS A 304 5.18 -27.75 -1.85
C CYS A 304 4.41 -27.21 -3.06
N VAL A 305 3.83 -26.02 -2.91
CA VAL A 305 3.06 -25.40 -4.00
C VAL A 305 3.93 -24.71 -5.06
N GLU A 306 5.15 -24.31 -4.68
CA GLU A 306 6.12 -23.77 -5.64
C GLU A 306 7.57 -24.01 -5.20
N PRO A 307 8.48 -24.22 -6.16
CA PRO A 307 9.88 -24.47 -5.81
C PRO A 307 10.64 -23.19 -5.43
N PRO A 308 11.63 -23.28 -4.53
CA PRO A 308 12.01 -24.50 -3.81
C PRO A 308 11.15 -24.77 -2.58
N CYS A 309 10.91 -26.05 -2.29
CA CYS A 309 10.27 -26.45 -1.05
C CYS A 309 11.19 -26.15 0.13
N GLY A 310 10.65 -26.24 1.34
CA GLY A 310 11.40 -25.97 2.56
C GLY A 310 10.47 -25.51 3.67
N GLN A 311 10.59 -26.15 4.82
CA GLN A 311 9.81 -25.81 6.01
C GLN A 311 10.64 -25.91 7.26
N LEU A 312 10.31 -25.11 8.26
CA LEU A 312 10.98 -25.17 9.55
C LEU A 312 10.63 -26.50 10.24
N ASN A 313 11.58 -27.00 11.04
CA ASN A 313 11.35 -28.18 11.87
C ASN A 313 10.98 -27.71 13.28
N PRO A 314 9.69 -27.77 13.63
CA PRO A 314 9.22 -27.22 14.90
C PRO A 314 9.67 -28.02 16.13
N THR A 315 10.22 -29.22 15.91
CA THR A 315 10.62 -30.10 17.00
C THR A 315 11.99 -29.75 17.58
N LYS A 316 12.72 -28.88 16.90
CA LYS A 316 14.04 -28.45 17.35
C LYS A 316 13.95 -27.22 18.24
N ASP A 317 14.40 -27.35 19.49
CA ASP A 317 14.34 -26.24 20.46
C ASP A 317 15.21 -25.05 20.05
N GLU A 318 16.31 -25.34 19.36
CA GLU A 318 17.22 -24.29 18.88
C GLU A 318 16.53 -23.34 17.90
N LEU A 319 15.57 -23.86 17.14
CA LEU A 319 14.78 -23.07 16.19
C LEU A 319 14.24 -21.78 16.82
N TYR A 320 13.67 -21.90 18.02
CA TYR A 320 13.01 -20.77 18.67
C TYR A 320 14.02 -19.73 19.20
N GLN A 321 15.26 -20.16 19.37
CA GLN A 321 16.36 -19.24 19.65
C GLN A 321 16.71 -18.42 18.41
N TYR A 322 16.75 -19.08 17.25
CA TYR A 322 16.92 -18.38 15.97
C TYR A 322 15.77 -17.39 15.72
N LEU A 323 14.54 -17.88 15.88
CA LEU A 323 13.34 -17.07 15.71
C LEU A 323 13.32 -15.84 16.61
N GLU A 324 13.59 -16.03 17.90
CA GLU A 324 13.69 -14.93 18.84
C GLU A 324 14.67 -13.87 18.35
N ASP A 325 15.81 -14.32 17.85
CA ASP A 325 16.85 -13.42 17.36
C ASP A 325 16.42 -12.67 16.09
N ILE A 326 15.79 -13.37 15.15
CA ILE A 326 15.29 -12.75 13.92
C ILE A 326 14.24 -11.69 14.25
N TYR A 327 13.24 -12.07 15.06
CA TYR A 327 12.16 -11.17 15.43
C TYR A 327 12.71 -9.95 16.18
N SER A 328 13.68 -10.19 17.05
CA SER A 328 14.32 -9.13 17.83
C SER A 328 15.09 -8.14 16.95
N ASP A 329 15.82 -8.66 15.97
CA ASP A 329 16.51 -7.83 14.99
C ASP A 329 15.51 -7.04 14.13
N MET A 330 14.41 -7.69 13.75
CA MET A 330 13.34 -7.02 13.01
C MET A 330 12.73 -5.89 13.82
N ALA A 331 12.42 -6.18 15.09
CA ALA A 331 11.80 -5.20 15.99
C ALA A 331 12.68 -3.97 16.17
N GLU A 332 14.00 -4.17 16.17
CA GLU A 332 14.95 -3.08 16.34
C GLU A 332 14.87 -2.04 15.22
N VAL A 333 14.79 -2.50 13.97
CA VAL A 333 14.79 -1.58 12.83
C VAL A 333 13.40 -1.22 12.30
N PHE A 334 12.47 -2.18 12.35
CA PHE A 334 11.07 -1.92 12.05
C PHE A 334 10.37 -1.41 13.32
N ASP A 335 10.76 -0.21 13.76
CA ASP A 335 10.33 0.30 15.05
C ASP A 335 9.16 1.29 15.02
N THR A 336 8.50 1.42 13.87
CA THR A 336 7.27 2.20 13.80
C THR A 336 6.03 1.30 13.75
N THR A 337 6.24 0.03 13.42
CA THR A 337 5.11 -0.89 13.26
C THR A 337 4.45 -1.25 14.59
N ASP A 338 3.13 -1.32 14.54
CA ASP A 338 2.29 -1.67 15.68
C ASP A 338 1.80 -3.10 15.52
N ILE A 339 2.13 -3.72 14.39
CA ILE A 339 1.63 -5.03 14.01
C ILE A 339 2.75 -5.88 13.41
N PHE A 340 2.70 -7.19 13.63
CA PHE A 340 3.69 -8.10 13.06
C PHE A 340 2.99 -9.18 12.26
N HIS A 341 3.47 -9.43 11.04
CA HIS A 341 2.92 -10.47 10.18
C HIS A 341 3.80 -11.71 10.32
N MET A 342 3.17 -12.84 10.63
CA MET A 342 3.91 -14.09 10.86
C MET A 342 3.65 -15.15 9.79
N GLY A 343 3.00 -14.73 8.71
CA GLY A 343 2.80 -15.59 7.54
C GLY A 343 1.80 -16.71 7.75
N GLY A 344 2.31 -17.93 7.84
CA GLY A 344 1.48 -19.11 8.04
C GLY A 344 0.67 -19.54 6.84
N ASP A 345 1.14 -19.21 5.64
CA ASP A 345 0.48 -19.71 4.44
C ASP A 345 1.05 -21.06 4.02
N GLU A 346 0.15 -21.96 3.59
CA GLU A 346 0.51 -23.14 2.80
C GLU A 346 1.50 -24.12 3.44
N VAL A 347 1.25 -24.51 4.68
CA VAL A 347 2.08 -25.53 5.34
C VAL A 347 1.78 -26.91 4.76
N SER A 348 2.84 -27.60 4.35
CA SER A 348 2.74 -28.91 3.72
C SER A 348 2.85 -30.02 4.77
N GLU A 349 1.86 -30.91 4.77
CA GLU A 349 1.83 -32.06 5.67
C GLU A 349 2.83 -33.12 5.20
N ALA A 350 2.86 -33.33 3.88
CA ALA A 350 3.74 -34.33 3.27
C ALA A 350 5.21 -34.03 3.56
N CYS A 351 5.54 -32.75 3.64
CA CYS A 351 6.89 -32.32 3.93
C CYS A 351 7.29 -32.67 5.37
N TRP A 352 6.42 -32.37 6.33
CA TRP A 352 6.66 -32.70 7.73
C TRP A 352 6.65 -34.22 7.99
N ASN A 353 5.80 -34.94 7.25
CA ASN A 353 5.70 -36.38 7.38
C ASN A 353 6.92 -37.13 6.81
N SER A 354 7.69 -36.46 5.95
CA SER A 354 8.88 -37.04 5.34
C SER A 354 10.08 -37.07 6.30
N SER A 355 10.01 -36.27 7.35
CA SER A 355 11.09 -36.21 8.35
C SER A 355 10.88 -37.24 9.46
N ASP A 356 11.92 -38.03 9.73
CA ASP A 356 11.84 -39.05 10.77
C ASP A 356 11.93 -38.45 12.18
N SER A 357 12.73 -37.39 12.32
CA SER A 357 12.84 -36.68 13.60
C SER A 357 11.50 -36.07 14.01
N ILE A 358 10.74 -35.60 13.02
CA ILE A 358 9.39 -35.06 13.24
C ILE A 358 8.41 -36.17 13.57
N GLN A 359 8.49 -37.28 12.83
CA GLN A 359 7.65 -38.46 13.07
C GLN A 359 7.84 -39.03 14.47
N ASN A 360 9.10 -39.15 14.90
CA ASN A 360 9.43 -39.63 16.25
C ASN A 360 8.87 -38.74 17.35
N PHE A 361 8.91 -37.43 17.13
CA PHE A 361 8.37 -36.44 18.06
C PHE A 361 6.87 -36.60 18.26
N MET A 362 6.15 -36.86 17.17
CA MET A 362 4.70 -37.00 17.22
C MET A 362 4.26 -38.34 17.81
N MET A 363 5.03 -39.40 17.52
CA MET A 363 4.76 -40.73 18.07
C MET A 363 4.99 -40.75 19.59
N GLN A 364 6.00 -40.03 20.05
CA GLN A 364 6.27 -39.89 21.48
C GLN A 364 5.20 -39.07 22.21
N ASN A 365 4.65 -38.08 21.51
CA ASN A 365 3.60 -37.22 22.08
C ASN A 365 2.18 -37.69 21.71
N ARG A 366 2.01 -39.00 21.55
CA ARG A 366 0.72 -39.67 21.28
C ARG A 366 0.02 -39.35 19.93
N TRP A 367 0.48 -38.31 19.23
CA TRP A 367 -0.15 -37.90 17.97
C TRP A 367 0.09 -38.90 16.84
N ASP A 368 -0.87 -39.01 15.93
CA ASP A 368 -0.77 -39.91 14.78
C ASP A 368 -0.06 -39.24 13.61
N LEU A 369 -0.08 -39.90 12.45
CA LEU A 369 0.54 -39.36 11.23
C LEU A 369 -0.52 -38.92 10.21
N ASP A 370 -1.75 -38.72 10.69
CA ASP A 370 -2.84 -38.24 9.83
C ASP A 370 -2.86 -36.72 9.73
N LYS A 371 -3.60 -36.21 8.74
CA LYS A 371 -3.64 -34.78 8.40
C LYS A 371 -4.10 -33.87 9.55
N GLU A 372 -4.86 -34.44 10.49
CA GLU A 372 -5.38 -33.69 11.63
C GLU A 372 -4.33 -33.38 12.70
N SER A 373 -3.43 -34.34 12.93
CA SER A 373 -2.40 -34.22 13.96
C SER A 373 -1.28 -33.25 13.56
N PHE A 374 -1.13 -33.01 12.27
CA PHE A 374 -0.14 -32.04 11.78
C PHE A 374 -0.53 -30.61 12.11
N LEU A 375 -1.83 -30.36 12.27
CA LEU A 375 -2.32 -29.09 12.79
C LEU A 375 -1.91 -28.87 14.25
N LYS A 376 -1.77 -29.97 15.00
CA LYS A 376 -1.30 -29.91 16.39
C LYS A 376 0.16 -29.46 16.44
N LEU A 377 0.97 -29.98 15.52
CA LEU A 377 2.37 -29.57 15.40
C LEU A 377 2.48 -28.10 14.95
N TRP A 378 1.61 -27.70 14.03
CA TRP A 378 1.57 -26.32 13.54
C TRP A 378 1.22 -25.38 14.69
N ASN A 379 0.19 -25.75 15.47
CA ASN A 379 -0.20 -24.98 16.64
C ASN A 379 0.96 -24.88 17.64
N TYR A 380 1.61 -26.01 17.89
CA TYR A 380 2.78 -26.06 18.76
C TYR A 380 3.83 -25.06 18.28
N PHE A 381 4.12 -25.07 16.98
CA PHE A 381 5.06 -24.11 16.40
C PHE A 381 4.61 -22.66 16.63
N GLN A 382 3.38 -22.36 16.19
CA GLN A 382 2.88 -20.99 16.20
C GLN A 382 2.79 -20.40 17.61
N GLN A 383 2.44 -21.23 18.58
CA GLN A 383 2.40 -20.80 19.99
C GLN A 383 3.77 -20.36 20.50
N LYS A 384 4.79 -21.17 20.20
CA LYS A 384 6.15 -20.86 20.62
C LYS A 384 6.72 -19.66 19.85
N ALA A 385 6.43 -19.59 18.55
CA ALA A 385 6.87 -18.47 17.72
C ALA A 385 6.23 -17.16 18.20
N GLN A 386 4.92 -17.21 18.48
CA GLN A 386 4.17 -16.09 19.04
C GLN A 386 4.83 -15.52 20.29
N ASP A 387 5.21 -16.40 21.22
CA ASP A 387 5.90 -16.04 22.45
C ASP A 387 7.17 -15.24 22.19
N LYS A 388 7.98 -15.74 21.25
CA LYS A 388 9.22 -15.07 20.85
C LYS A 388 8.95 -13.70 20.20
N ALA A 389 7.90 -13.64 19.38
CA ALA A 389 7.49 -12.37 18.77
C ALA A 389 7.13 -11.31 19.82
N TYR A 390 6.34 -11.70 20.82
CA TYR A 390 5.98 -10.79 21.90
C TYR A 390 7.21 -10.31 22.66
N LYS A 391 8.13 -11.24 22.92
CA LYS A 391 9.37 -10.94 23.61
C LYS A 391 10.22 -9.95 22.80
N ALA A 392 10.26 -10.17 21.48
CA ALA A 392 11.06 -9.34 20.58
C ALA A 392 10.57 -7.90 20.55
N PHE A 393 9.26 -7.72 20.42
CA PHE A 393 8.69 -6.37 20.36
C PHE A 393 8.46 -5.78 21.75
N GLY A 394 8.66 -6.59 22.78
CA GLY A 394 8.57 -6.14 24.17
C GLY A 394 7.15 -5.82 24.63
N LYS A 395 6.18 -6.40 23.93
CA LYS A 395 4.77 -6.18 24.22
C LYS A 395 3.94 -7.17 23.43
N LYS A 396 2.71 -7.40 23.90
CA LYS A 396 1.71 -8.09 23.11
C LYS A 396 1.27 -7.10 22.05
N LEU A 397 1.36 -7.52 20.79
CA LEU A 397 0.94 -6.70 19.67
C LEU A 397 0.15 -7.58 18.71
N PRO A 398 -0.76 -6.99 17.91
CA PRO A 398 -1.55 -7.79 16.99
C PRO A 398 -0.66 -8.55 16.00
N LEU A 399 -1.00 -9.80 15.73
CA LEU A 399 -0.26 -10.62 14.79
C LEU A 399 -1.15 -10.97 13.60
N ILE A 400 -0.55 -11.05 12.42
CA ILE A 400 -1.27 -11.41 11.21
C ILE A 400 -0.83 -12.78 10.69
N LEU A 401 -1.82 -13.55 10.27
CA LEU A 401 -1.63 -14.81 9.57
C LEU A 401 -2.46 -14.81 8.29
N TRP A 402 -1.95 -15.47 7.24
CA TRP A 402 -2.72 -15.68 6.01
C TRP A 402 -3.82 -16.70 6.26
N THR A 403 -4.89 -16.62 5.47
CA THR A 403 -5.88 -17.71 5.42
C THR A 403 -5.19 -18.98 4.96
N SER A 404 -5.50 -20.08 5.63
CA SER A 404 -4.86 -21.38 5.43
C SER A 404 -5.71 -22.47 6.06
N THR A 405 -5.19 -23.70 6.05
CA THR A 405 -5.81 -24.84 6.73
C THR A 405 -5.98 -24.57 8.23
N LEU A 406 -4.99 -23.88 8.81
CA LEU A 406 -5.00 -23.51 10.22
C LEU A 406 -6.14 -22.54 10.56
N THR A 407 -6.41 -21.61 9.67
CA THR A 407 -7.36 -20.53 9.94
C THR A 407 -8.79 -20.84 9.50
N ASN A 408 -9.00 -22.06 8.96
CA ASN A 408 -10.35 -22.54 8.68
C ASN A 408 -11.26 -22.21 9.86
N TYR A 409 -12.32 -21.45 9.59
CA TYR A 409 -13.16 -20.91 10.65
C TYR A 409 -13.77 -21.98 11.55
N LYS A 410 -14.05 -23.16 10.98
CA LYS A 410 -14.63 -24.29 11.72
C LYS A 410 -13.78 -24.73 12.92
N HIS A 411 -12.47 -24.59 12.83
CA HIS A 411 -11.59 -25.00 13.94
C HIS A 411 -10.59 -23.93 14.41
N ILE A 412 -10.65 -22.74 13.83
CA ILE A 412 -9.69 -21.67 14.13
C ILE A 412 -9.55 -21.37 15.63
N ASP A 413 -10.68 -21.39 16.34
CA ASP A 413 -10.70 -21.10 17.78
C ASP A 413 -9.95 -22.11 18.64
N ASP A 414 -9.70 -23.30 18.09
CA ASP A 414 -8.89 -24.31 18.77
C ASP A 414 -7.42 -23.92 18.81
N TYR A 415 -7.02 -23.00 17.93
CA TYR A 415 -5.62 -22.66 17.74
C TYR A 415 -5.31 -21.18 17.99
N LEU A 416 -6.19 -20.31 17.52
CA LEU A 416 -6.00 -18.87 17.60
C LEU A 416 -7.12 -18.23 18.43
N ASN A 417 -7.01 -16.93 18.66
CA ASN A 417 -8.15 -16.15 19.15
C ASN A 417 -8.27 -14.83 18.39
N LYS A 418 -9.48 -14.28 18.35
CA LYS A 418 -9.78 -13.09 17.54
C LYS A 418 -9.11 -11.80 18.03
N ASP A 419 -8.70 -11.79 19.30
CA ASP A 419 -8.04 -10.61 19.85
C ASP A 419 -6.56 -10.53 19.53
N ASP A 420 -5.92 -11.68 19.36
CA ASP A 420 -4.48 -11.75 19.16
C ASP A 420 -4.10 -11.85 17.68
N TYR A 421 -5.03 -12.33 16.86
CA TYR A 421 -4.74 -12.62 15.46
C TYR A 421 -5.69 -11.96 14.47
N ILE A 422 -5.10 -11.14 13.58
CA ILE A 422 -5.78 -10.60 12.41
C ILE A 422 -5.56 -11.59 11.26
N ILE A 423 -6.59 -11.85 10.47
CA ILE A 423 -6.45 -12.77 9.34
C ILE A 423 -6.40 -12.02 8.01
N GLN A 424 -5.35 -12.26 7.24
CA GLN A 424 -5.25 -11.70 5.90
C GLN A 424 -5.84 -12.67 4.90
N VAL A 425 -6.94 -12.25 4.27
CA VAL A 425 -7.71 -13.12 3.39
C VAL A 425 -7.21 -13.00 1.96
N TRP A 426 -6.81 -14.12 1.38
CA TRP A 426 -6.42 -14.14 -0.03
C TRP A 426 -7.21 -15.17 -0.85
N THR A 427 -8.29 -15.69 -0.26
CA THR A 427 -9.27 -16.50 -0.98
C THR A 427 -10.01 -15.57 -1.94
N THR A 428 -10.91 -16.12 -2.77
CA THR A 428 -11.82 -15.27 -3.56
C THR A 428 -12.70 -14.44 -2.61
N GLY A 429 -13.26 -13.34 -3.10
CA GLY A 429 -14.12 -12.48 -2.30
C GLY A 429 -15.48 -13.07 -1.97
N VAL A 430 -15.75 -14.25 -2.54
CA VAL A 430 -17.02 -14.95 -2.39
C VAL A 430 -16.85 -16.27 -1.59
N ASP A 431 -15.61 -16.59 -1.25
CA ASP A 431 -15.29 -17.81 -0.50
C ASP A 431 -16.02 -17.83 0.86
N PRO A 432 -16.71 -18.95 1.18
CA PRO A 432 -17.45 -19.13 2.44
C PRO A 432 -16.64 -18.87 3.71
N GLN A 433 -15.31 -19.00 3.62
CA GLN A 433 -14.41 -18.76 4.76
C GLN A 433 -14.51 -17.35 5.31
N ILE A 434 -14.78 -16.38 4.45
CA ILE A 434 -14.87 -14.98 4.87
C ILE A 434 -16.03 -14.73 5.84
N LYS A 435 -17.24 -15.12 5.45
CA LYS A 435 -18.42 -15.00 6.30
C LYS A 435 -18.23 -15.79 7.60
N GLY A 436 -17.71 -17.01 7.47
CA GLY A 436 -17.43 -17.86 8.62
C GLY A 436 -16.51 -17.22 9.65
N LEU A 437 -15.41 -16.64 9.17
CA LEU A 437 -14.44 -15.95 10.04
C LEU A 437 -15.04 -14.73 10.72
N LEU A 438 -15.81 -13.94 9.95
CA LEU A 438 -16.44 -12.73 10.47
C LEU A 438 -17.47 -13.05 11.55
N GLU A 439 -18.19 -14.15 11.38
CA GLU A 439 -19.19 -14.57 12.36
C GLU A 439 -18.55 -15.08 13.66
N LYS A 440 -17.25 -15.41 13.59
CA LYS A 440 -16.49 -15.80 14.77
C LYS A 440 -15.73 -14.62 15.37
N GLY A 441 -15.98 -13.42 14.86
CA GLY A 441 -15.43 -12.19 15.44
C GLY A 441 -14.05 -11.77 14.95
N TYR A 442 -13.50 -12.51 13.99
CA TYR A 442 -12.15 -12.20 13.49
C TYR A 442 -12.08 -10.93 12.64
N ARG A 443 -10.97 -10.21 12.80
CA ARG A 443 -10.70 -9.02 11.99
C ARG A 443 -9.92 -9.44 10.75
N LEU A 444 -10.22 -8.79 9.63
CA LEU A 444 -9.67 -9.21 8.35
C LEU A 444 -8.93 -8.09 7.60
N ILE A 445 -7.90 -8.48 6.86
CA ILE A 445 -7.31 -7.63 5.84
C ILE A 445 -7.62 -8.30 4.50
N MET A 446 -8.27 -7.56 3.61
CA MET A 446 -8.74 -8.12 2.35
C MET A 446 -7.69 -8.05 1.25
N SER A 447 -7.29 -9.22 0.77
CA SER A 447 -6.37 -9.33 -0.36
C SER A 447 -6.85 -10.44 -1.26
N ASN A 448 -8.17 -10.47 -1.53
CA ASN A 448 -8.75 -11.55 -2.31
C ASN A 448 -8.11 -11.65 -3.70
N TYR A 449 -7.60 -12.84 -4.03
CA TYR A 449 -6.72 -13.01 -5.18
C TYR A 449 -7.39 -12.70 -6.52
N ASP A 450 -8.71 -12.78 -6.56
CA ASP A 450 -9.44 -12.52 -7.81
C ASP A 450 -9.56 -11.04 -8.14
N ALA A 451 -9.14 -10.18 -7.21
CA ALA A 451 -9.20 -8.74 -7.41
C ALA A 451 -7.95 -7.97 -6.97
N LEU A 452 -7.14 -8.59 -6.10
CA LEU A 452 -6.05 -7.87 -5.44
C LEU A 452 -4.66 -8.51 -5.59
N TYR A 453 -4.54 -9.53 -6.43
CA TYR A 453 -3.24 -10.13 -6.71
C TYR A 453 -2.65 -9.51 -7.98
N PHE A 454 -1.73 -8.57 -7.77
CA PHE A 454 -1.21 -7.72 -8.84
C PHE A 454 -0.18 -8.43 -9.72
N ASP A 455 0.20 -9.64 -9.31
CA ASP A 455 1.14 -10.45 -10.07
C ASP A 455 0.47 -11.29 -11.17
N CYS A 456 -0.85 -11.46 -11.09
CA CYS A 456 -1.60 -12.31 -12.02
C CYS A 456 -1.60 -11.81 -13.45
N GLY A 457 -1.58 -12.75 -14.39
CA GLY A 457 -1.82 -12.44 -15.80
C GLY A 457 -0.68 -12.70 -16.76
N TYR A 458 0.53 -12.74 -16.24
CA TYR A 458 1.71 -12.85 -17.11
C TYR A 458 2.00 -14.29 -17.51
N GLY A 459 3.10 -14.51 -18.22
CA GLY A 459 3.46 -15.86 -18.65
C GLY A 459 3.68 -16.75 -17.45
N ALA A 460 3.66 -18.07 -17.67
CA ALA A 460 4.06 -19.02 -16.63
C ALA A 460 5.53 -18.79 -16.30
N TRP A 461 5.90 -19.00 -15.03
CA TRP A 461 7.31 -19.00 -14.64
C TRP A 461 7.83 -20.42 -14.40
N VAL A 462 6.91 -21.37 -14.24
CA VAL A 462 7.23 -22.79 -14.38
C VAL A 462 6.39 -23.35 -15.52
N GLY A 463 7.04 -23.99 -16.48
CA GLY A 463 6.35 -24.48 -17.67
C GLY A 463 5.92 -23.35 -18.58
N ALA A 464 4.87 -23.59 -19.37
CA ALA A 464 4.37 -22.61 -20.33
C ALA A 464 2.92 -22.23 -20.05
N GLY A 465 2.38 -21.31 -20.86
CA GLY A 465 1.04 -20.77 -20.63
C GLY A 465 1.12 -19.48 -19.83
N ASN A 466 0.19 -19.32 -18.89
CA ASN A 466 0.13 -18.12 -18.06
C ASN A 466 0.23 -18.49 -16.58
N ASN A 467 0.59 -17.52 -15.73
CA ASN A 467 0.70 -17.80 -14.29
C ASN A 467 -0.66 -18.14 -13.63
N TRP A 468 -0.61 -18.71 -12.43
CA TRP A 468 -1.75 -19.43 -11.82
C TRP A 468 -3.04 -18.65 -11.69
N CYS A 469 -2.94 -17.36 -11.37
CA CYS A 469 -4.13 -16.56 -11.05
C CYS A 469 -4.53 -15.62 -12.19
N SER A 470 -3.98 -15.88 -13.39
CA SER A 470 -4.43 -15.17 -14.61
C SER A 470 -5.95 -15.32 -14.75
N PRO A 471 -6.63 -14.36 -15.40
CA PRO A 471 -6.10 -13.22 -16.17
C PRO A 471 -5.59 -12.03 -15.33
N TYR A 472 -4.93 -11.10 -16.03
CA TYR A 472 -4.48 -9.84 -15.45
C TYR A 472 -5.68 -9.05 -14.94
N ILE A 473 -5.55 -8.53 -13.72
CA ILE A 473 -6.64 -7.81 -13.08
C ILE A 473 -6.53 -6.32 -13.40
N GLY A 474 -7.48 -5.82 -14.20
CA GLY A 474 -7.53 -4.40 -14.54
C GLY A 474 -7.96 -3.55 -13.36
N TRP A 475 -7.60 -2.26 -13.39
CA TRP A 475 -7.95 -1.32 -12.32
C TRP A 475 -9.46 -1.26 -12.07
N GLN A 476 -10.25 -1.49 -13.12
CA GLN A 476 -11.72 -1.50 -13.02
C GLN A 476 -12.19 -2.54 -12.01
N LYS A 477 -11.58 -3.73 -12.07
CA LYS A 477 -11.90 -4.82 -11.16
C LYS A 477 -11.42 -4.57 -9.73
N VAL A 478 -10.24 -3.98 -9.57
CA VAL A 478 -9.76 -3.66 -8.22
C VAL A 478 -10.59 -2.51 -7.59
N TYR A 479 -11.03 -1.56 -8.42
CA TYR A 479 -11.89 -0.47 -7.95
C TYR A 479 -13.24 -0.97 -7.44
N ASP A 480 -13.87 -1.87 -8.18
CA ASP A 480 -15.20 -2.38 -7.86
C ASP A 480 -15.23 -3.40 -6.71
N ASN A 481 -14.08 -3.99 -6.42
CA ASN A 481 -13.93 -4.92 -5.30
C ASN A 481 -14.15 -4.19 -3.97
N SER A 482 -15.29 -4.44 -3.34
CA SER A 482 -15.68 -3.72 -2.13
C SER A 482 -15.72 -4.61 -0.89
N PRO A 483 -14.85 -4.31 0.11
CA PRO A 483 -14.87 -5.01 1.39
C PRO A 483 -16.23 -4.89 2.10
N ALA A 484 -16.88 -3.74 1.96
CA ALA A 484 -18.22 -3.52 2.52
C ALA A 484 -19.22 -4.54 1.97
N VAL A 485 -19.13 -4.82 0.68
CA VAL A 485 -19.97 -5.84 0.03
C VAL A 485 -19.57 -7.25 0.48
N ILE A 486 -18.27 -7.50 0.52
CA ILE A 486 -17.72 -8.81 0.93
C ILE A 486 -18.08 -9.19 2.37
N ALA A 487 -18.12 -8.19 3.25
CA ALA A 487 -18.29 -8.41 4.69
C ALA A 487 -19.69 -8.09 5.22
N LEU A 488 -20.44 -7.29 4.47
CA LEU A 488 -21.81 -6.86 4.85
C LEU A 488 -21.89 -6.23 6.24
N GLU A 489 -22.70 -6.81 7.12
CA GLU A 489 -22.94 -6.26 8.46
C GLU A 489 -21.72 -6.31 9.39
N HIS A 490 -20.77 -7.18 9.05
CA HIS A 490 -19.55 -7.34 9.86
C HIS A 490 -18.37 -6.51 9.34
N ARG A 491 -18.67 -5.48 8.56
CA ARG A 491 -17.64 -4.69 7.88
C ARG A 491 -16.71 -3.88 8.79
N ASP A 492 -17.13 -3.60 10.03
CA ASP A 492 -16.23 -2.91 10.96
C ASP A 492 -15.06 -3.79 11.37
N GLN A 493 -15.24 -5.10 11.24
CA GLN A 493 -14.18 -6.08 11.50
C GLN A 493 -13.18 -6.13 10.34
N VAL A 494 -13.54 -5.59 9.18
CA VAL A 494 -12.58 -5.44 8.09
C VAL A 494 -11.72 -4.23 8.40
N LEU A 495 -10.42 -4.47 8.61
CA LEU A 495 -9.49 -3.40 8.92
C LEU A 495 -9.12 -2.65 7.65
N GLY A 496 -9.30 -3.32 6.52
CA GLY A 496 -9.04 -2.70 5.23
C GLY A 496 -8.63 -3.73 4.19
N GLY A 497 -7.75 -3.31 3.29
CA GLY A 497 -7.32 -4.18 2.21
C GLY A 497 -5.87 -3.95 1.83
N GLU A 498 -5.37 -4.83 0.96
CA GLU A 498 -3.97 -4.78 0.56
C GLU A 498 -3.78 -5.42 -0.81
N ALA A 499 -3.18 -4.65 -1.72
CA ALA A 499 -2.78 -5.18 -3.02
C ALA A 499 -1.51 -5.99 -2.85
N ALA A 500 -1.48 -7.20 -3.38
CA ALA A 500 -0.34 -8.08 -3.19
C ALA A 500 0.54 -8.13 -4.44
N LEU A 501 1.78 -7.69 -4.32
CA LEU A 501 2.76 -7.89 -5.39
C LEU A 501 3.77 -8.97 -5.00
N TRP A 502 3.40 -10.21 -5.32
CA TRP A 502 4.32 -11.33 -5.25
C TRP A 502 5.31 -11.17 -6.39
N SER A 503 6.53 -11.67 -6.18
CA SER A 503 7.64 -11.24 -7.03
C SER A 503 8.36 -12.36 -7.76
N GLU A 504 7.67 -13.48 -7.99
CA GLU A 504 8.22 -14.52 -8.85
C GLU A 504 8.55 -13.94 -10.22
N GLN A 505 7.79 -12.93 -10.63
CA GLN A 505 7.93 -12.29 -11.94
C GLN A 505 7.91 -10.77 -11.84
N SER A 506 8.48 -10.25 -10.75
CA SER A 506 8.60 -8.81 -10.55
C SER A 506 9.83 -8.47 -9.73
N ASP A 507 10.48 -7.37 -10.09
CA ASP A 507 11.63 -6.87 -9.33
C ASP A 507 11.74 -5.35 -9.48
N THR A 508 12.89 -4.78 -9.14
CA THR A 508 13.17 -3.35 -9.28
C THR A 508 12.62 -2.74 -10.59
N SER A 509 12.88 -3.43 -11.70
CA SER A 509 12.55 -2.94 -13.04
C SER A 509 11.05 -2.84 -13.35
N THR A 510 10.23 -3.62 -12.65
CA THR A 510 8.81 -3.78 -13.01
C THR A 510 7.85 -3.31 -11.93
N LEU A 511 8.41 -2.92 -10.80
CA LEU A 511 7.65 -2.49 -9.65
C LEU A 511 6.65 -1.36 -9.95
N ASP A 512 7.11 -0.30 -10.61
CA ASP A 512 6.26 0.85 -10.92
C ASP A 512 5.03 0.45 -11.75
N GLY A 513 5.27 -0.36 -12.78
CA GLY A 513 4.20 -0.83 -13.66
C GLY A 513 3.21 -1.77 -12.98
N ARG A 514 3.74 -2.68 -12.17
CA ARG A 514 2.91 -3.62 -11.41
C ARG A 514 1.93 -2.92 -10.46
N LEU A 515 2.42 -1.89 -9.76
CA LEU A 515 1.63 -1.25 -8.71
C LEU A 515 0.75 -0.09 -9.18
N TRP A 516 1.23 0.65 -10.18
CA TRP A 516 0.60 1.92 -10.55
C TRP A 516 0.13 1.91 -11.99
N PRO A 517 -1.09 2.40 -12.25
CA PRO A 517 -1.97 3.09 -11.30
C PRO A 517 -2.98 2.20 -10.55
N ARG A 518 -2.89 0.89 -10.71
CA ARG A 518 -3.87 -0.03 -10.09
C ARG A 518 -4.04 0.13 -8.58
N ALA A 519 -2.96 0.29 -7.83
CA ALA A 519 -3.04 0.48 -6.39
C ALA A 519 -3.78 1.77 -5.98
N ALA A 520 -3.84 2.74 -6.88
CA ALA A 520 -4.67 3.94 -6.69
C ALA A 520 -6.16 3.59 -6.67
N ALA A 521 -6.58 2.58 -7.44
CA ALA A 521 -7.98 2.13 -7.41
C ALA A 521 -8.33 1.55 -6.04
N LEU A 522 -7.42 0.75 -5.49
CA LEU A 522 -7.55 0.27 -4.12
C LEU A 522 -7.55 1.43 -3.14
N ALA A 523 -6.67 2.42 -3.38
CA ALA A 523 -6.57 3.59 -2.50
C ALA A 523 -7.91 4.32 -2.33
N GLU A 524 -8.62 4.55 -3.42
CA GLU A 524 -9.94 5.21 -3.33
C GLU A 524 -11.01 4.32 -2.71
N ARG A 525 -11.02 3.05 -3.11
CA ARG A 525 -11.95 2.07 -2.55
C ARG A 525 -11.86 2.01 -1.02
N LEU A 526 -10.62 2.01 -0.49
CA LEU A 526 -10.43 1.89 0.95
C LEU A 526 -10.58 3.22 1.67
N TRP A 527 -10.24 4.31 1.00
CA TRP A 527 -10.38 5.64 1.59
C TRP A 527 -11.84 6.09 1.63
N ALA A 528 -12.57 5.85 0.54
CA ALA A 528 -13.89 6.43 0.37
C ALA A 528 -15.05 5.44 0.34
N GLU A 529 -14.76 4.16 0.09
CA GLU A 529 -15.80 3.16 -0.18
C GLU A 529 -16.99 3.72 -0.96
N PRO A 530 -16.76 4.19 -2.20
CA PRO A 530 -17.84 4.79 -2.99
C PRO A 530 -18.92 3.79 -3.35
N ALA A 531 -20.18 4.23 -3.33
CA ALA A 531 -21.29 3.40 -3.79
C ALA A 531 -21.31 3.37 -5.33
N THR A 532 -20.66 4.35 -5.93
CA THR A 532 -20.50 4.41 -7.39
C THR A 532 -19.42 3.42 -7.85
N SER A 533 -19.45 3.09 -9.14
CA SER A 533 -18.52 2.11 -9.70
C SER A 533 -17.36 2.77 -10.46
N TRP A 534 -16.53 1.94 -11.09
CA TRP A 534 -15.32 2.42 -11.76
C TRP A 534 -15.60 3.47 -12.85
N GLN A 535 -16.69 3.29 -13.59
CA GLN A 535 -17.09 4.21 -14.66
C GLN A 535 -17.13 5.66 -14.18
N ASP A 536 -17.64 5.86 -12.97
CA ASP A 536 -17.77 7.20 -12.39
C ASP A 536 -16.44 7.79 -11.91
N ALA A 537 -15.42 6.95 -11.80
CA ALA A 537 -14.09 7.37 -11.38
C ALA A 537 -13.09 7.39 -12.54
N GLU A 538 -13.52 6.89 -13.70
CA GLU A 538 -12.65 6.70 -14.87
C GLU A 538 -11.80 7.92 -15.23
N TYR A 539 -12.44 9.08 -15.36
CA TYR A 539 -11.75 10.30 -15.77
C TYR A 539 -10.67 10.74 -14.77
N ARG A 540 -10.99 10.69 -13.48
CA ARG A 540 -10.03 11.04 -12.42
C ARG A 540 -8.88 10.03 -12.34
N MET A 541 -9.18 8.77 -12.64
CA MET A 541 -8.16 7.72 -12.68
C MET A 541 -7.15 7.97 -13.80
N LEU A 542 -7.63 8.42 -14.95
CA LEU A 542 -6.74 8.76 -16.05
C LEU A 542 -5.82 9.90 -15.65
N HIS A 543 -6.34 10.86 -14.89
CA HIS A 543 -5.52 11.96 -14.41
C HIS A 543 -4.48 11.54 -13.38
N ILE A 544 -4.88 10.74 -12.39
CA ILE A 544 -3.91 10.31 -11.37
C ILE A 544 -2.75 9.51 -11.98
N ARG A 545 -3.05 8.73 -13.03
CA ARG A 545 -2.00 8.04 -13.79
C ARG A 545 -0.96 9.04 -14.31
N GLU A 546 -1.44 10.12 -14.94
CA GLU A 546 -0.55 11.18 -15.44
C GLU A 546 0.27 11.83 -14.33
N ARG A 547 -0.35 11.97 -13.15
CA ARG A 547 0.33 12.54 -11.99
C ARG A 547 1.47 11.64 -11.50
N LEU A 548 1.23 10.32 -11.49
CA LEU A 548 2.29 9.36 -11.14
C LEU A 548 3.46 9.47 -12.11
N VAL A 549 3.17 9.58 -13.41
CA VAL A 549 4.23 9.72 -14.42
C VAL A 549 5.06 10.99 -14.19
N ARG A 550 4.37 12.09 -13.87
CA ARG A 550 5.05 13.35 -13.53
C ARG A 550 5.97 13.20 -12.30
N MET A 551 5.59 12.34 -11.36
CA MET A 551 6.40 12.03 -10.19
C MET A 551 7.65 11.23 -10.50
N GLY A 552 7.73 10.68 -11.71
CA GLY A 552 8.85 9.83 -12.10
C GLY A 552 8.53 8.35 -11.99
N ILE A 553 7.27 8.03 -11.71
CA ILE A 553 6.80 6.64 -11.63
C ILE A 553 6.51 6.12 -13.04
N GLN A 554 7.04 4.94 -13.36
CA GLN A 554 6.80 4.33 -14.67
C GLN A 554 5.47 3.57 -14.64
N ALA A 555 4.38 4.33 -14.46
CA ALA A 555 3.06 3.75 -14.30
C ALA A 555 2.57 3.11 -15.58
N GLU A 556 1.76 2.06 -15.43
CA GLU A 556 1.06 1.45 -16.56
C GLU A 556 0.22 2.49 -17.29
N SER A 557 0.10 2.31 -18.60
CA SER A 557 -0.78 3.13 -19.43
C SER A 557 -2.14 2.44 -19.49
N LEU A 558 -3.21 3.21 -19.27
CA LEU A 558 -4.57 2.66 -19.22
C LEU A 558 -5.33 2.79 -20.54
N GLN A 559 -5.16 3.94 -21.19
CA GLN A 559 -5.94 4.30 -22.38
C GLN A 559 -5.09 5.22 -23.25
N PRO A 560 -5.45 5.34 -24.54
CA PRO A 560 -4.79 6.37 -25.35
C PRO A 560 -4.99 7.73 -24.72
N GLU A 561 -3.95 8.57 -24.76
CA GLU A 561 -4.07 9.92 -24.23
C GLU A 561 -5.19 10.69 -24.91
N TRP A 562 -5.48 10.34 -26.17
CA TRP A 562 -6.61 10.90 -26.89
C TRP A 562 -7.91 10.78 -26.08
N CYS A 563 -8.09 9.64 -25.40
CA CYS A 563 -9.30 9.42 -24.59
C CYS A 563 -9.38 10.40 -23.42
N TYR A 564 -8.24 10.66 -22.80
CA TYR A 564 -8.10 11.63 -21.72
C TYR A 564 -8.41 13.07 -22.19
N GLN A 565 -8.03 13.38 -23.42
CA GLN A 565 -8.30 14.68 -24.03
C GLN A 565 -9.71 14.81 -24.61
N ASN A 566 -10.39 13.67 -24.77
CA ASN A 566 -11.70 13.63 -25.41
C ASN A 566 -12.69 12.75 -24.67
N GLU A 567 -12.98 13.14 -23.42
CA GLU A 567 -13.88 12.38 -22.55
C GLU A 567 -15.21 12.03 -23.22
N GLY A 568 -15.63 10.78 -23.05
CA GLY A 568 -16.92 10.33 -23.55
C GLY A 568 -16.85 9.60 -24.88
N TYR A 569 -15.78 9.82 -25.63
CA TYR A 569 -15.64 9.19 -26.94
C TYR A 569 -15.07 7.78 -26.87
N CYS A 570 -14.42 7.43 -25.76
CA CYS A 570 -13.89 6.08 -25.56
C CYS A 570 -14.71 5.34 -24.51
N TYR A 571 -15.59 4.47 -24.97
CA TYR A 571 -16.53 3.78 -24.08
C TYR A 571 -16.91 2.44 -24.69
N SER A 572 -17.36 1.51 -23.86
CA SER A 572 -17.96 0.26 -24.33
C SER A 572 -18.95 -0.28 -23.32
CAH OAN B . -0.56 -16.31 0.57
CAG OAN B . -0.02 -16.57 -0.83
OAN OAN B . -0.42 -15.91 -1.79
NAI OAN B . 0.91 -17.54 -0.90
CAB OAN B . 1.61 -17.93 -2.16
CAC OAN B . 2.71 -16.88 -2.41
OAJ OAN B . 3.92 -17.27 -1.76
CAD OAN B . 2.96 -16.70 -3.89
OAK OAN B . 3.99 -15.75 -4.10
CAE OAN B . 1.65 -16.23 -4.49
CAF OAN B . 1.80 -15.94 -5.97
OAM OAN B . 0.56 -15.46 -6.50
OAL OAN B . 0.65 -17.26 -4.32
CAA OAN B . 0.69 -18.12 -3.23
NAY OAN B . -0.14 -19.15 -3.15
OAQ OAN B . -1.12 -19.29 -4.26
CAP OAN B . -1.19 -20.52 -4.86
OAR OAN B . -1.29 -21.55 -4.19
NAO OAN B . -1.19 -20.55 -6.21
CAS OAN B . -1.27 -21.67 -6.93
CAT OAN B . -2.52 -22.28 -7.14
CAU OAN B . -2.60 -23.43 -7.92
CAV OAN B . -1.45 -23.97 -8.49
CAW OAN B . -0.21 -23.37 -8.29
CAX OAN B . -0.12 -22.21 -7.51
#